data_4XHG
#
_entry.id   4XHG
#
_cell.length_a   72.460
_cell.length_b   76.472
_cell.length_c   84.187
_cell.angle_alpha   90.00
_cell.angle_beta   90.00
_cell.angle_gamma   90.00
#
_symmetry.space_group_name_H-M   'P 21 2 21'
#
loop_
_entity.id
_entity.type
_entity.pdbx_description
1 polymer 'Similar to uniprot|P29295 Saccharomyces cerevisiae YPL204w HRR25'
2 non-polymer "ADENOSINE-5'-DIPHOSPHATE"
3 non-polymer 'FORMIC ACID'
4 water water
#
_entity_poly.entity_id   1
_entity_poly.type   'polypeptide(L)'
_entity_poly.pdbx_seq_one_letter_code
;MDLRVGRKFRIGRKIGSGSFGDIYHGTNLISGEEVAIRLESIRSRHPQLDYESRVYKYLSGGVGIPFIRWFGREGEYNAM
VIDLLGPSLEDLFNYCHRKFSFKTVIMLALQMICRVQYIHGRSFIHRDIKPDNFLMGVGRRGSTVHVIDFGLSKKYRDFN
THRHIPYRENKSLTGTARYASVNTHLGIEQSRRDDLESLGYMLIYFCKGSLPWQGLKATTKKQKYDRILEKKLCISVETL
CAGLPLEFSEYMNYCRNLKFDERPDYLYLARLFKDLSIKLEYHNDHLFDWTMLRYTKAMVEKQKDVLMLDTSSTANANKE
SGNNNNESNTTSNTKDSKNDSFNKVKLLAMKKFASHFHYCKNDDKHYPTPEEIKQQTVQNNNAAASLPPELLSAIDKGME
NLK
;
_entity_poly.pdbx_strand_id   A
#
loop_
_chem_comp.id
_chem_comp.type
_chem_comp.name
_chem_comp.formula
ADP non-polymer ADENOSINE-5'-DIPHOSPHATE 'C10 H15 N5 O10 P2'
FMT non-polymer 'FORMIC ACID' 'C H2 O2'
#
# COMPACT_ATOMS: atom_id res chain seq x y z
N ASP A 2 -19.02 19.98 14.75
CA ASP A 2 -20.20 19.23 15.17
C ASP A 2 -21.42 19.57 14.30
N LEU A 3 -21.17 20.13 13.13
CA LEU A 3 -22.24 20.45 12.18
C LEU A 3 -22.74 19.20 11.42
N ARG A 4 -23.83 19.36 10.66
CA ARG A 4 -24.43 18.24 9.93
C ARG A 4 -24.09 18.26 8.45
N VAL A 5 -23.91 17.07 7.87
CA VAL A 5 -23.61 16.93 6.46
C VAL A 5 -24.55 15.92 5.82
N GLY A 6 -25.13 16.28 4.67
CA GLY A 6 -26.02 15.39 3.94
C GLY A 6 -27.19 14.93 4.79
N ARG A 7 -27.82 15.89 5.47
CA ARG A 7 -28.98 15.63 6.34
C ARG A 7 -28.70 14.81 7.60
N LYS A 8 -28.04 13.65 7.46
CA LYS A 8 -28.02 12.71 8.57
C LYS A 8 -26.64 12.39 9.14
N PHE A 9 -25.61 13.02 8.59
CA PHE A 9 -24.26 12.72 9.05
C PHE A 9 -23.71 13.83 9.95
N ARG A 10 -23.36 13.48 11.19
CA ARG A 10 -22.77 14.45 12.11
C ARG A 10 -21.25 14.35 12.16
N ILE A 11 -20.58 15.49 11.98
CA ILE A 11 -19.14 15.56 12.10
C ILE A 11 -18.69 15.47 13.56
N GLY A 12 -17.67 14.65 13.80
CA GLY A 12 -17.13 14.48 15.14
C GLY A 12 -15.67 14.90 15.16
N ARG A 13 -14.86 14.19 15.93
CA ARG A 13 -13.47 14.60 16.14
C ARG A 13 -12.62 14.43 14.87
N LYS A 14 -11.62 15.29 14.76
CA LYS A 14 -10.74 15.33 13.60
C LYS A 14 -9.82 14.11 13.59
N ILE A 15 -9.40 13.71 12.38
CA ILE A 15 -8.53 12.54 12.21
C ILE A 15 -7.02 12.79 11.85
N GLY A 16 -6.67 13.69 10.91
CA GLY A 16 -7.58 14.65 10.33
C GLY A 16 -7.18 15.62 9.24
N SER A 17 -6.02 16.26 9.34
CA SER A 17 -5.72 17.38 8.42
C SER A 17 -4.92 16.99 7.18
N GLY A 18 -4.91 17.86 6.17
CA GLY A 18 -4.26 17.55 4.90
C GLY A 18 -4.14 18.77 3.98
N SER A 19 -3.61 18.56 2.78
CA SER A 19 -3.43 19.68 1.83
C SER A 19 -4.72 20.04 1.09
N PHE A 20 -5.56 19.02 0.87
CA PHE A 20 -6.82 19.22 0.16
C PHE A 20 -7.99 19.26 1.14
N GLY A 21 -7.68 19.57 2.41
CA GLY A 21 -8.72 19.71 3.41
C GLY A 21 -8.53 18.80 4.61
N ASP A 22 -9.58 18.64 5.42
CA ASP A 22 -9.50 17.85 6.62
C ASP A 22 -10.37 16.60 6.51
N ILE A 23 -10.06 15.57 7.31
CA ILE A 23 -10.90 14.39 7.38
C ILE A 23 -11.33 14.17 8.83
N TYR A 24 -12.60 13.85 9.04
CA TYR A 24 -13.16 13.73 10.38
C TYR A 24 -13.83 12.38 10.59
N HIS A 25 -13.92 11.98 11.86
CA HIS A 25 -14.89 10.98 12.26
C HIS A 25 -16.26 11.59 12.02
N GLY A 26 -17.22 10.75 11.63
CA GLY A 26 -18.59 11.19 11.45
C GLY A 26 -19.53 10.12 11.96
N THR A 27 -20.77 10.51 12.22
CA THR A 27 -21.78 9.54 12.64
C THR A 27 -23.06 9.71 11.84
N ASN A 28 -23.63 8.59 11.42
CA ASN A 28 -24.99 8.57 10.87
C ASN A 28 -25.98 8.60 12.03
N LEU A 29 -26.73 9.70 12.13
CA LEU A 29 -27.59 9.98 13.28
C LEU A 29 -28.79 9.06 13.38
N ILE A 30 -29.10 8.39 12.27
CA ILE A 30 -30.22 7.48 12.23
C ILE A 30 -29.78 6.06 12.61
N SER A 31 -28.69 5.60 12.02
CA SER A 31 -28.26 4.22 12.23
C SER A 31 -27.19 4.08 13.32
N GLY A 32 -26.53 5.18 13.65
CA GLY A 32 -25.40 5.13 14.57
C GLY A 32 -24.09 4.66 13.95
N GLU A 33 -24.07 4.41 12.65
CA GLU A 33 -22.85 3.90 12.00
C GLU A 33 -21.74 4.94 11.99
N GLU A 34 -20.53 4.53 12.36
CA GLU A 34 -19.38 5.42 12.30
C GLU A 34 -18.84 5.45 10.87
N VAL A 35 -18.68 6.65 10.32
CA VAL A 35 -18.17 6.82 8.97
C VAL A 35 -17.02 7.82 8.98
N ALA A 36 -16.47 8.11 7.80
CA ALA A 36 -15.47 9.15 7.66
C ALA A 36 -16.05 10.29 6.83
N ILE A 37 -15.73 11.52 7.24
CA ILE A 37 -16.19 12.68 6.51
C ILE A 37 -15.01 13.58 6.16
N ARG A 38 -14.90 13.88 4.88
CA ARG A 38 -13.84 14.73 4.38
C ARG A 38 -14.40 16.11 4.03
N LEU A 39 -13.67 17.17 4.38
CA LEU A 39 -14.14 18.52 4.06
C LEU A 39 -13.11 19.29 3.26
N GLU A 40 -13.59 20.07 2.30
CA GLU A 40 -12.72 20.92 1.51
C GLU A 40 -13.37 22.30 1.38
N SER A 41 -12.62 23.34 1.74
CA SER A 41 -13.13 24.69 1.63
C SER A 41 -13.49 24.98 0.18
N ILE A 42 -14.63 25.63 -0.02
CA ILE A 42 -15.06 25.98 -1.37
C ILE A 42 -14.20 27.11 -1.93
N ARG A 43 -13.49 27.79 -1.05
CA ARG A 43 -12.60 28.87 -1.45
C ARG A 43 -11.23 28.34 -1.89
N SER A 44 -11.05 27.03 -1.79
CA SER A 44 -9.83 26.39 -2.29
C SER A 44 -9.51 26.75 -3.73
N ARG A 45 -8.23 26.99 -3.97
CA ARG A 45 -7.71 27.43 -5.26
C ARG A 45 -7.60 26.28 -6.26
N HIS A 46 -7.47 25.07 -5.71
CA HIS A 46 -7.30 23.85 -6.50
C HIS A 46 -8.23 22.75 -5.98
N PRO A 47 -9.53 22.92 -6.21
CA PRO A 47 -10.50 21.94 -5.67
C PRO A 47 -10.25 20.52 -6.19
N GLN A 48 -10.28 19.55 -5.28
CA GLN A 48 -10.01 18.15 -5.64
C GLN A 48 -11.07 17.19 -5.10
N LEU A 49 -11.80 17.62 -4.07
CA LEU A 49 -12.72 16.69 -3.41
C LEU A 49 -13.84 16.26 -4.33
N ASP A 50 -14.37 17.21 -5.10
CA ASP A 50 -15.49 16.89 -5.98
C ASP A 50 -15.08 15.85 -7.01
N TYR A 51 -13.91 16.06 -7.61
CA TYR A 51 -13.35 15.09 -8.54
C TYR A 51 -13.22 13.69 -7.91
N GLU A 52 -12.62 13.62 -6.72
CA GLU A 52 -12.39 12.35 -6.08
C GLU A 52 -13.70 11.62 -5.78
N SER A 53 -14.71 12.38 -5.36
CA SER A 53 -16.00 11.82 -5.01
C SER A 53 -16.63 11.19 -6.23
N ARG A 54 -16.43 11.83 -7.37
CA ARG A 54 -16.96 11.34 -8.62
C ARG A 54 -16.23 10.07 -9.10
N VAL A 55 -14.91 10.04 -8.91
CA VAL A 55 -14.18 8.80 -9.17
C VAL A 55 -14.68 7.71 -8.22
N TYR A 56 -14.68 7.98 -6.92
CA TYR A 56 -15.20 7.03 -5.94
C TYR A 56 -16.58 6.49 -6.29
N LYS A 57 -17.41 7.35 -6.86
CA LYS A 57 -18.74 6.92 -7.24
C LYS A 57 -18.67 5.95 -8.40
N TYR A 58 -17.83 6.28 -9.39
CA TYR A 58 -17.68 5.42 -10.55
C TYR A 58 -17.11 4.05 -10.17
N LEU A 59 -16.24 4.02 -9.16
CA LEU A 59 -15.60 2.79 -8.70
C LEU A 59 -16.45 1.99 -7.71
N SER A 60 -17.48 2.64 -7.18
CA SER A 60 -18.40 2.08 -6.19
C SER A 60 -18.74 0.62 -6.42
N GLY A 61 -18.62 -0.20 -5.38
CA GLY A 61 -18.98 -1.61 -5.48
C GLY A 61 -17.79 -2.54 -5.64
N GLY A 62 -16.62 -2.01 -6.00
CA GLY A 62 -15.44 -2.85 -6.06
C GLY A 62 -15.02 -3.35 -4.70
N VAL A 63 -14.50 -4.56 -4.65
CA VAL A 63 -13.91 -5.07 -3.40
C VAL A 63 -12.71 -4.22 -2.99
N GLY A 64 -12.66 -3.81 -1.73
CA GLY A 64 -11.55 -3.01 -1.25
C GLY A 64 -11.57 -1.55 -1.68
N ILE A 65 -12.64 -1.11 -2.33
CA ILE A 65 -12.86 0.30 -2.62
C ILE A 65 -13.81 0.89 -1.59
N PRO A 66 -13.34 1.86 -0.80
CA PRO A 66 -14.17 2.50 0.23
C PRO A 66 -15.47 2.98 -0.40
N PHE A 67 -16.59 2.71 0.25
CA PHE A 67 -17.88 2.93 -0.35
C PHE A 67 -18.43 4.31 -0.02
N ILE A 68 -18.49 5.19 -1.03
CA ILE A 68 -18.97 6.55 -0.82
C ILE A 68 -20.49 6.56 -0.50
N ARG A 69 -20.89 7.34 0.50
CA ARG A 69 -22.29 7.39 0.94
C ARG A 69 -22.99 8.66 0.47
N TRP A 70 -22.23 9.74 0.37
CA TRP A 70 -22.78 11.05 0.07
C TRP A 70 -21.67 12.00 -0.29
N PHE A 71 -21.94 12.89 -1.23
CA PHE A 71 -21.03 14.00 -1.46
C PHE A 71 -21.80 15.18 -2.04
N GLY A 72 -21.30 16.37 -1.74
CA GLY A 72 -21.93 17.58 -2.21
C GLY A 72 -21.48 18.78 -1.42
N ARG A 73 -22.38 19.75 -1.32
CA ARG A 73 -22.09 21.06 -0.76
C ARG A 73 -22.80 21.26 0.57
N GLU A 74 -22.04 21.75 1.55
CA GLU A 74 -22.59 22.10 2.83
C GLU A 74 -21.97 23.43 3.29
N GLY A 75 -22.63 24.54 2.98
CA GLY A 75 -22.15 25.87 3.32
C GLY A 75 -20.83 26.20 2.65
N GLU A 76 -19.82 26.45 3.47
CA GLU A 76 -18.52 26.87 2.96
C GLU A 76 -17.64 25.69 2.58
N TYR A 77 -18.21 24.47 2.65
CA TYR A 77 -17.42 23.26 2.43
C TYR A 77 -17.98 22.30 1.39
N ASN A 78 -17.10 21.82 0.51
CA ASN A 78 -17.34 20.56 -0.20
C ASN A 78 -17.14 19.41 0.79
N ALA A 79 -18.06 18.45 0.79
CA ALA A 79 -18.06 17.37 1.78
C ALA A 79 -18.22 16.00 1.11
N MET A 80 -17.61 15.00 1.72
CA MET A 80 -17.72 13.63 1.23
C MET A 80 -17.78 12.66 2.39
N VAL A 81 -18.82 11.84 2.41
CA VAL A 81 -19.02 10.85 3.45
C VAL A 81 -18.68 9.48 2.86
N ILE A 82 -17.85 8.72 3.56
CA ILE A 82 -17.31 7.49 3.02
C ILE A 82 -16.98 6.54 4.18
N ASP A 83 -16.76 5.27 3.87
CA ASP A 83 -16.37 4.27 4.87
C ASP A 83 -15.24 4.74 5.76
N LEU A 84 -15.38 4.52 7.06
CA LEU A 84 -14.27 4.71 7.98
C LEU A 84 -13.31 3.56 7.76
N LEU A 85 -12.00 3.86 7.68
CA LEU A 85 -11.00 2.83 7.48
C LEU A 85 -10.00 2.82 8.63
N GLY A 86 -9.11 1.83 8.64
CA GLY A 86 -8.09 1.70 9.66
C GLY A 86 -6.75 2.26 9.24
N PRO A 87 -5.67 1.75 9.85
CA PRO A 87 -4.31 2.26 9.59
C PRO A 87 -3.83 1.99 8.17
N SER A 88 -2.97 2.87 7.69
CA SER A 88 -2.34 2.68 6.40
C SER A 88 -1.23 1.63 6.52
N LEU A 89 -0.75 1.16 5.38
CA LEU A 89 0.35 0.20 5.41
C LEU A 89 1.65 0.88 5.88
N GLU A 90 1.79 2.18 5.63
CA GLU A 90 2.95 2.91 6.17
C GLU A 90 2.86 2.99 7.71
N ASP A 91 1.66 3.27 8.24
CA ASP A 91 1.42 3.21 9.69
C ASP A 91 1.82 1.84 10.27
N LEU A 92 1.41 0.78 9.60
CA LEU A 92 1.66 -0.55 10.12
C LEU A 92 3.13 -0.93 9.92
N PHE A 93 3.74 -0.37 8.87
CA PHE A 93 5.16 -0.54 8.63
C PHE A 93 5.94 -0.02 9.84
N ASN A 94 5.60 1.19 10.27
CA ASN A 94 6.20 1.79 11.46
C ASN A 94 5.96 0.97 12.72
N TYR A 95 4.75 0.48 12.90
CA TYR A 95 4.43 -0.36 14.04
C TYR A 95 5.33 -1.59 14.09
N CYS A 96 5.68 -2.11 12.92
CA CYS A 96 6.52 -3.30 12.82
C CYS A 96 8.00 -2.93 12.73
N HIS A 97 8.31 -1.67 13.01
CA HIS A 97 9.68 -1.15 12.96
C HIS A 97 10.29 -1.32 11.56
N ARG A 98 9.45 -1.10 10.56
CA ARG A 98 9.91 -0.79 9.20
C ARG A 98 10.59 -1.96 8.50
N LYS A 99 9.98 -3.14 8.67
CA LYS A 99 10.33 -4.32 7.90
C LYS A 99 9.19 -5.32 7.99
N PHE A 100 8.76 -5.86 6.85
CA PHE A 100 7.69 -6.85 6.82
C PHE A 100 8.29 -8.20 6.48
N SER A 101 7.69 -9.28 6.98
CA SER A 101 8.06 -10.64 6.59
C SER A 101 7.70 -10.92 5.14
N PHE A 102 8.34 -11.94 4.56
CA PHE A 102 7.99 -12.35 3.21
C PHE A 102 6.51 -12.73 3.14
N LYS A 103 6.02 -13.39 4.19
CA LYS A 103 4.64 -13.84 4.19
C LYS A 103 3.68 -12.67 4.13
N THR A 104 3.94 -11.63 4.94
CA THR A 104 3.06 -10.47 4.99
C THR A 104 3.12 -9.69 3.67
N VAL A 105 4.31 -9.59 3.08
CA VAL A 105 4.46 -8.90 1.80
C VAL A 105 3.74 -9.65 0.68
N ILE A 106 3.88 -10.97 0.67
CA ILE A 106 3.18 -11.77 -0.32
C ILE A 106 1.67 -11.59 -0.23
N MET A 107 1.14 -11.62 0.99
CA MET A 107 -0.30 -11.49 1.20
C MET A 107 -0.82 -10.10 0.82
N LEU A 108 -0.08 -9.06 1.17
CA LEU A 108 -0.43 -7.73 0.72
C LEU A 108 -0.41 -7.65 -0.80
N ALA A 109 0.63 -8.23 -1.42
CA ALA A 109 0.79 -8.17 -2.87
C ALA A 109 -0.41 -8.80 -3.60
N LEU A 110 -0.85 -9.95 -3.11
CA LEU A 110 -1.99 -10.63 -3.70
C LEU A 110 -3.23 -9.72 -3.69
N GLN A 111 -3.52 -9.09 -2.55
CA GLN A 111 -4.69 -8.23 -2.48
C GLN A 111 -4.51 -6.98 -3.33
N MET A 112 -3.32 -6.38 -3.29
CA MET A 112 -3.09 -5.11 -3.97
C MET A 112 -3.14 -5.25 -5.49
N ILE A 113 -2.62 -6.35 -6.02
CA ILE A 113 -2.76 -6.64 -7.44
C ILE A 113 -4.24 -6.69 -7.87
N CYS A 114 -5.09 -7.32 -7.05
CA CYS A 114 -6.54 -7.36 -7.31
C CYS A 114 -7.18 -5.97 -7.31
N ARG A 115 -6.78 -5.13 -6.35
CA ARG A 115 -7.30 -3.76 -6.24
C ARG A 115 -6.96 -2.97 -7.49
N VAL A 116 -5.69 -2.99 -7.86
CA VAL A 116 -5.21 -2.31 -9.05
C VAL A 116 -5.91 -2.86 -10.31
N GLN A 117 -6.07 -4.17 -10.35
CA GLN A 117 -6.79 -4.80 -11.46
C GLN A 117 -8.23 -4.27 -11.55
N TYR A 118 -8.94 -4.21 -10.42
CA TYR A 118 -10.31 -3.71 -10.45
C TYR A 118 -10.36 -2.24 -10.95
N ILE A 119 -9.48 -1.39 -10.43
CA ILE A 119 -9.44 0.01 -10.85
C ILE A 119 -9.20 0.14 -12.37
N HIS A 120 -8.26 -0.64 -12.89
CA HIS A 120 -7.98 -0.63 -14.32
C HIS A 120 -9.17 -1.15 -15.13
N GLY A 121 -9.86 -2.14 -14.57
CA GLY A 121 -11.06 -2.69 -15.16
C GLY A 121 -12.18 -1.66 -15.24
N ARG A 122 -12.08 -0.59 -14.44
CA ARG A 122 -13.03 0.52 -14.52
C ARG A 122 -12.42 1.71 -15.29
N SER A 123 -11.45 1.41 -16.16
CA SER A 123 -10.86 2.38 -17.08
C SER A 123 -10.06 3.51 -16.41
N PHE A 124 -9.75 3.37 -15.13
CA PHE A 124 -8.92 4.35 -14.43
C PHE A 124 -7.55 3.79 -14.05
N ILE A 125 -6.55 4.68 -14.01
CA ILE A 125 -5.27 4.38 -13.36
C ILE A 125 -5.17 5.26 -12.12
N HIS A 126 -4.49 4.76 -11.09
CA HIS A 126 -4.41 5.47 -9.80
C HIS A 126 -3.40 6.62 -9.86
N ARG A 127 -2.19 6.29 -10.31
CA ARG A 127 -1.09 7.26 -10.55
C ARG A 127 -0.41 7.76 -9.29
N ASP A 128 -0.87 7.31 -8.12
CA ASP A 128 -0.22 7.71 -6.87
C ASP A 128 -0.07 6.53 -5.93
N ILE A 129 0.39 5.40 -6.45
CA ILE A 129 0.51 4.17 -5.68
C ILE A 129 1.66 4.26 -4.68
N LYS A 130 1.33 4.21 -3.40
CA LYS A 130 2.31 4.29 -2.32
C LYS A 130 1.70 3.74 -1.04
N PRO A 131 2.53 3.35 -0.04
CA PRO A 131 1.99 2.70 1.17
C PRO A 131 0.92 3.50 1.91
N ASP A 132 1.02 4.82 1.88
CA ASP A 132 0.07 5.68 2.58
C ASP A 132 -1.33 5.56 2.01
N ASN A 133 -1.43 5.12 0.75
CA ASN A 133 -2.71 5.07 0.06
C ASN A 133 -3.36 3.68 0.09
N PHE A 134 -2.82 2.79 0.91
CA PHE A 134 -3.45 1.50 1.15
C PHE A 134 -3.76 1.38 2.64
N LEU A 135 -5.04 1.19 2.99
CA LEU A 135 -5.44 1.15 4.39
C LEU A 135 -6.16 -0.14 4.69
N MET A 136 -5.98 -0.69 5.89
CA MET A 136 -6.79 -1.84 6.29
C MET A 136 -8.19 -1.38 6.72
N GLY A 137 -9.14 -2.32 6.78
CA GLY A 137 -10.45 -1.98 7.29
C GLY A 137 -10.42 -1.84 8.80
N VAL A 138 -11.50 -1.35 9.40
CA VAL A 138 -11.60 -1.34 10.85
C VAL A 138 -12.29 -2.62 11.29
N GLY A 139 -12.09 -3.00 12.55
CA GLY A 139 -12.78 -4.15 13.11
C GLY A 139 -12.51 -5.43 12.34
N ARG A 140 -13.59 -6.11 11.97
CA ARG A 140 -13.48 -7.42 11.33
C ARG A 140 -13.05 -7.31 9.87
N ARG A 141 -13.08 -6.09 9.34
CA ARG A 141 -12.59 -5.80 7.99
C ARG A 141 -11.10 -5.48 7.99
N GLY A 142 -10.45 -5.68 9.14
CA GLY A 142 -9.03 -5.38 9.28
C GLY A 142 -8.12 -6.28 8.47
N SER A 143 -8.69 -7.25 7.78
CA SER A 143 -7.89 -8.13 6.94
C SER A 143 -7.98 -7.78 5.44
N THR A 144 -8.77 -6.76 5.13
CA THR A 144 -8.96 -6.35 3.74
C THR A 144 -8.20 -5.06 3.46
N VAL A 145 -7.27 -5.13 2.51
CA VAL A 145 -6.56 -3.95 2.02
C VAL A 145 -7.49 -3.12 1.15
N HIS A 146 -7.59 -1.83 1.47
CA HIS A 146 -8.38 -0.91 0.68
C HIS A 146 -7.45 0.09 0.01
N VAL A 147 -7.90 0.67 -1.10
CA VAL A 147 -7.18 1.75 -1.79
C VAL A 147 -7.89 3.10 -1.62
N ILE A 148 -7.13 4.15 -1.32
CA ILE A 148 -7.68 5.50 -1.19
C ILE A 148 -6.96 6.53 -2.06
N ASP A 149 -7.39 7.79 -1.96
CA ASP A 149 -6.70 8.92 -2.57
C ASP A 149 -6.71 8.86 -4.11
N PHE A 150 -7.87 9.15 -4.70
CA PHE A 150 -8.00 9.08 -6.15
C PHE A 150 -7.93 10.45 -6.81
N GLY A 151 -7.44 11.44 -6.06
CA GLY A 151 -7.31 12.80 -6.57
C GLY A 151 -6.44 12.94 -7.81
N LEU A 152 -5.43 12.08 -7.93
CA LEU A 152 -4.52 12.12 -9.09
C LEU A 152 -4.90 11.09 -10.14
N SER A 153 -6.00 10.37 -9.91
CA SER A 153 -6.40 9.30 -10.83
C SER A 153 -6.93 9.88 -12.12
N LYS A 154 -6.89 9.05 -13.16
CA LYS A 154 -7.19 9.49 -14.50
C LYS A 154 -7.76 8.32 -15.32
N LYS A 155 -8.71 8.65 -16.17
CA LYS A 155 -9.25 7.78 -17.20
C LYS A 155 -8.13 7.47 -18.19
N TYR A 156 -7.77 6.19 -18.38
CA TYR A 156 -6.70 5.87 -19.34
C TYR A 156 -7.29 5.32 -20.65
N ARG A 157 -8.60 5.13 -20.68
CA ARG A 157 -9.27 4.60 -21.87
C ARG A 157 -10.76 5.02 -21.92
N ASP A 158 -11.30 5.11 -23.13
CA ASP A 158 -12.72 5.41 -23.31
C ASP A 158 -13.60 4.30 -22.74
N PHE A 159 -14.65 4.69 -22.00
CA PHE A 159 -15.50 3.72 -21.30
C PHE A 159 -16.15 2.70 -22.22
N ASN A 160 -16.48 3.12 -23.44
CA ASN A 160 -17.20 2.24 -24.36
C ASN A 160 -16.31 1.58 -25.39
N THR A 161 -15.37 2.33 -25.98
CA THR A 161 -14.53 1.78 -27.02
C THR A 161 -13.26 1.13 -26.48
N HIS A 162 -12.92 1.40 -25.23
CA HIS A 162 -11.63 0.95 -24.66
C HIS A 162 -10.40 1.48 -25.43
N ARG A 163 -10.60 2.54 -26.21
CA ARG A 163 -9.50 3.19 -26.90
C ARG A 163 -8.60 3.86 -25.87
N HIS A 164 -7.33 3.48 -25.88
CA HIS A 164 -6.36 3.97 -24.92
C HIS A 164 -6.06 5.45 -25.16
N ILE A 165 -5.75 6.21 -24.11
CA ILE A 165 -5.27 7.56 -24.31
C ILE A 165 -3.96 7.55 -25.08
N PRO A 166 -3.67 8.61 -25.85
CA PRO A 166 -2.46 8.60 -26.68
C PRO A 166 -1.16 8.75 -25.89
N TYR A 167 -0.09 8.24 -26.48
CA TYR A 167 1.26 8.35 -25.93
C TYR A 167 1.70 9.80 -25.93
N ARG A 168 2.35 10.23 -24.87
CA ARG A 168 2.76 11.62 -24.74
C ARG A 168 4.01 11.74 -23.85
N GLU A 169 4.80 12.79 -24.06
CA GLU A 169 6.01 13.00 -23.29
C GLU A 169 6.02 14.39 -22.66
N ASN A 170 7.13 14.72 -22.00
CA ASN A 170 7.31 16.01 -21.30
C ASN A 170 6.23 16.31 -20.26
N LYS A 171 5.69 15.26 -19.65
CA LYS A 171 4.75 15.45 -18.55
C LYS A 171 5.54 15.74 -17.28
N SER A 172 5.00 16.61 -16.44
CA SER A 172 5.68 16.99 -15.21
C SER A 172 5.36 16.01 -14.09
N LEU A 173 6.20 16.01 -13.07
CA LEU A 173 6.08 15.07 -11.95
C LEU A 173 5.67 15.90 -10.73
N THR A 174 4.83 15.35 -9.83
CA THR A 174 4.26 16.21 -8.79
C THR A 174 4.65 15.91 -7.34
N GLY A 175 4.64 14.65 -6.95
CA GLY A 175 4.81 14.37 -5.53
C GLY A 175 6.20 13.96 -5.11
N THR A 176 6.28 13.19 -4.03
CA THR A 176 7.48 12.44 -3.77
C THR A 176 7.45 11.35 -4.83
N ALA A 177 8.58 11.15 -5.46
CA ALA A 177 8.72 10.21 -6.53
C ALA A 177 9.46 8.97 -6.03
N ARG A 178 9.34 8.67 -4.74
CA ARG A 178 10.02 7.50 -4.20
C ARG A 178 9.54 6.23 -4.87
N TYR A 179 8.24 6.16 -5.18
CA TYR A 179 7.66 4.96 -5.76
C TYR A 179 7.29 5.13 -7.23
N ALA A 180 7.68 6.25 -7.81
CA ALA A 180 7.33 6.55 -9.19
C ALA A 180 8.09 5.66 -10.17
N SER A 181 7.43 5.30 -11.27
CA SER A 181 8.05 4.45 -12.27
C SER A 181 9.13 5.19 -13.02
N VAL A 182 10.04 4.46 -13.65
CA VAL A 182 11.10 5.09 -14.44
C VAL A 182 10.48 5.97 -15.53
N ASN A 183 9.45 5.46 -16.21
CA ASN A 183 8.81 6.22 -17.29
C ASN A 183 8.09 7.50 -16.81
N THR A 184 7.54 7.49 -15.61
CA THR A 184 7.02 8.71 -15.01
C THR A 184 8.13 9.75 -14.87
N HIS A 185 9.24 9.36 -14.25
CA HIS A 185 10.45 10.21 -14.18
C HIS A 185 10.89 10.80 -15.52
N LEU A 186 10.77 10.00 -16.59
CA LEU A 186 11.18 10.41 -17.93
C LEU A 186 10.17 11.33 -18.58
N GLY A 187 9.05 11.56 -17.89
CA GLY A 187 8.00 12.43 -18.40
C GLY A 187 6.97 11.78 -19.31
N ILE A 188 6.98 10.45 -19.36
CA ILE A 188 6.02 9.73 -20.20
C ILE A 188 4.65 9.71 -19.56
N GLU A 189 3.61 9.92 -20.39
CA GLU A 189 2.23 9.67 -20.00
C GLU A 189 2.13 8.36 -19.24
N GLN A 190 1.55 8.41 -18.05
CA GLN A 190 1.37 7.22 -17.22
C GLN A 190 0.26 6.34 -17.77
N SER A 191 0.45 5.04 -17.70
CA SER A 191 -0.57 4.07 -18.09
C SER A 191 -0.65 2.98 -17.04
N ARG A 192 -1.29 1.86 -17.36
CA ARG A 192 -1.49 0.79 -16.39
C ARG A 192 -0.19 0.22 -15.80
N ARG A 193 0.79 -0.02 -16.66
CA ARG A 193 2.11 -0.53 -16.25
C ARG A 193 2.73 0.25 -15.07
N ASP A 194 2.50 1.56 -15.04
CA ASP A 194 3.17 2.39 -14.06
C ASP A 194 2.62 2.19 -12.65
N ASP A 195 1.30 2.01 -12.53
CA ASP A 195 0.69 1.62 -11.24
C ASP A 195 1.34 0.36 -10.70
N LEU A 196 1.57 -0.61 -11.57
CA LEU A 196 2.09 -1.89 -11.16
C LEU A 196 3.59 -1.78 -10.84
N GLU A 197 4.33 -0.94 -11.56
CA GLU A 197 5.73 -0.77 -11.23
C GLU A 197 5.86 -0.15 -9.83
N SER A 198 5.03 0.87 -9.56
CA SER A 198 5.03 1.52 -8.24
C SER A 198 4.74 0.51 -7.12
N LEU A 199 3.76 -0.35 -7.37
CA LEU A 199 3.45 -1.44 -6.45
C LEU A 199 4.71 -2.30 -6.22
N GLY A 200 5.43 -2.62 -7.29
CA GLY A 200 6.67 -3.35 -7.17
C GLY A 200 7.69 -2.72 -6.24
N TYR A 201 7.90 -1.41 -6.36
CA TYR A 201 8.83 -0.74 -5.44
C TYR A 201 8.37 -0.83 -3.99
N MET A 202 7.05 -0.74 -3.75
CA MET A 202 6.52 -0.86 -2.39
C MET A 202 6.88 -2.21 -1.79
N LEU A 203 6.75 -3.26 -2.59
CA LEU A 203 7.01 -4.62 -2.09
C LEU A 203 8.46 -4.77 -1.66
N ILE A 204 9.35 -4.20 -2.46
CA ILE A 204 10.79 -4.26 -2.21
C ILE A 204 11.16 -3.41 -0.97
N TYR A 205 10.58 -2.21 -0.93
CA TYR A 205 10.56 -1.36 0.26
C TYR A 205 10.16 -2.12 1.52
N PHE A 206 9.01 -2.78 1.45
CA PHE A 206 8.49 -3.51 2.61
C PHE A 206 9.46 -4.58 3.09
N CYS A 207 9.99 -5.33 2.13
CA CYS A 207 10.87 -6.46 2.38
C CYS A 207 12.20 -6.06 3.00
N LYS A 208 12.82 -5.04 2.41
CA LYS A 208 14.20 -4.70 2.70
C LYS A 208 14.32 -3.57 3.69
N GLY A 209 13.22 -2.84 3.88
CA GLY A 209 13.16 -1.78 4.87
C GLY A 209 13.37 -0.41 4.28
N SER A 210 13.82 -0.35 3.03
CA SER A 210 14.02 0.93 2.36
C SER A 210 14.28 0.72 0.88
N LEU A 211 14.23 1.81 0.12
CA LEU A 211 14.68 1.84 -1.27
C LEU A 211 15.97 2.64 -1.33
N PRO A 212 16.88 2.29 -2.26
CA PRO A 212 18.22 2.88 -2.27
C PRO A 212 18.28 4.32 -2.78
N TRP A 213 17.14 4.93 -3.09
CA TRP A 213 17.12 6.30 -3.56
C TRP A 213 16.36 7.19 -2.60
N GLN A 214 16.23 6.71 -1.37
CA GLN A 214 15.58 7.44 -0.29
C GLN A 214 16.51 8.45 0.34
N GLY A 215 15.95 9.51 0.89
CA GLY A 215 16.70 10.46 1.69
C GLY A 215 17.68 11.29 0.89
N LEU A 216 17.39 11.51 -0.38
CA LEU A 216 18.26 12.31 -1.23
C LEU A 216 17.98 13.78 -1.01
N LYS A 217 18.98 14.62 -1.24
CA LYS A 217 18.76 16.05 -1.21
C LYS A 217 19.35 16.68 -2.46
N ALA A 218 18.73 17.79 -2.87
CA ALA A 218 19.09 18.44 -4.10
C ALA A 218 18.83 19.93 -3.95
N THR A 219 19.34 20.69 -4.90
CA THR A 219 19.17 22.13 -4.88
C THR A 219 17.78 22.50 -5.41
N THR A 220 17.25 21.72 -6.35
CA THR A 220 15.92 21.98 -6.92
C THR A 220 15.09 20.69 -6.97
N LYS A 221 13.78 20.82 -7.16
CA LYS A 221 12.92 19.64 -7.28
C LYS A 221 13.33 18.78 -8.45
N LYS A 222 13.54 19.41 -9.61
CA LYS A 222 13.90 18.66 -10.80
C LYS A 222 15.19 17.88 -10.59
N GLN A 223 16.19 18.52 -10.01
CA GLN A 223 17.45 17.85 -9.72
C GLN A 223 17.27 16.61 -8.84
N LYS A 224 16.39 16.74 -7.85
CA LYS A 224 16.12 15.62 -6.94
C LYS A 224 15.45 14.47 -7.69
N TYR A 225 14.36 14.79 -8.40
CA TYR A 225 13.68 13.82 -9.24
C TYR A 225 14.64 13.06 -10.15
N ASP A 226 15.53 13.82 -10.79
CA ASP A 226 16.49 13.28 -11.74
C ASP A 226 17.59 12.46 -11.08
N ARG A 227 17.93 12.78 -9.83
CA ARG A 227 18.85 11.94 -9.07
C ARG A 227 18.17 10.61 -8.71
N ILE A 228 16.88 10.67 -8.42
CA ILE A 228 16.15 9.44 -8.12
C ILE A 228 16.03 8.62 -9.40
N LEU A 229 15.73 9.28 -10.51
CA LEU A 229 15.63 8.60 -11.80
C LEU A 229 16.95 7.88 -12.15
N GLU A 230 18.07 8.52 -11.86
CA GLU A 230 19.38 7.98 -12.25
C GLU A 230 19.67 6.70 -11.48
N LYS A 231 19.35 6.71 -10.19
CA LYS A 231 19.50 5.52 -9.38
C LYS A 231 18.56 4.39 -9.83
N LYS A 232 17.31 4.71 -10.12
CA LYS A 232 16.34 3.71 -10.57
C LYS A 232 16.82 3.07 -11.86
N LEU A 233 17.37 3.91 -12.74
CA LEU A 233 17.84 3.50 -14.05
C LEU A 233 19.12 2.69 -13.99
N CYS A 234 20.03 3.10 -13.10
CA CYS A 234 21.41 2.61 -13.11
C CYS A 234 21.71 1.46 -12.15
N ILE A 235 20.95 1.37 -11.07
CA ILE A 235 20.99 0.20 -10.20
C ILE A 235 20.23 -0.96 -10.87
N SER A 236 20.90 -2.08 -11.10
CA SER A 236 20.24 -3.24 -11.73
C SER A 236 19.09 -3.80 -10.89
N VAL A 237 18.18 -4.51 -11.56
CA VAL A 237 17.07 -5.15 -10.85
C VAL A 237 17.64 -6.19 -9.86
N GLU A 238 18.72 -6.86 -10.25
CA GLU A 238 19.41 -7.79 -9.38
C GLU A 238 19.83 -7.18 -8.07
N THR A 239 20.64 -6.13 -8.18
CA THR A 239 21.05 -5.35 -7.02
C THR A 239 19.85 -4.83 -6.22
N LEU A 240 18.89 -4.24 -6.92
CA LEU A 240 17.69 -3.73 -6.26
C LEU A 240 16.99 -4.81 -5.44
N CYS A 241 16.93 -6.02 -5.99
CA CYS A 241 16.22 -7.14 -5.37
C CYS A 241 17.13 -8.15 -4.66
N ALA A 242 18.37 -7.74 -4.38
CA ALA A 242 19.30 -8.57 -3.61
C ALA A 242 18.65 -9.04 -2.32
N GLY A 243 18.79 -10.32 -2.01
CA GLY A 243 18.21 -10.88 -0.80
C GLY A 243 16.75 -11.30 -0.92
N LEU A 244 16.14 -11.05 -2.08
CA LEU A 244 14.74 -11.43 -2.26
C LEU A 244 14.60 -12.62 -3.20
N PRO A 245 13.59 -13.48 -2.97
CA PRO A 245 13.30 -14.58 -3.90
C PRO A 245 13.12 -14.06 -5.32
N LEU A 246 13.40 -14.90 -6.31
CA LEU A 246 13.46 -14.46 -7.69
C LEU A 246 12.16 -13.82 -8.20
N GLU A 247 11.02 -14.17 -7.60
CA GLU A 247 9.73 -13.59 -7.98
C GLU A 247 9.71 -12.05 -7.93
N PHE A 248 10.43 -11.47 -6.98
CA PHE A 248 10.39 -10.02 -6.84
C PHE A 248 11.07 -9.31 -8.01
N SER A 249 12.24 -9.78 -8.41
CA SER A 249 12.88 -9.23 -9.61
C SER A 249 12.11 -9.59 -10.89
N GLU A 250 11.55 -10.80 -10.93
CA GLU A 250 10.68 -11.17 -12.05
C GLU A 250 9.48 -10.22 -12.16
N TYR A 251 8.84 -9.90 -11.03
CA TYR A 251 7.76 -8.91 -11.01
C TYR A 251 8.21 -7.58 -11.60
N MET A 252 9.40 -7.11 -11.20
CA MET A 252 9.90 -5.82 -11.67
C MET A 252 10.27 -5.81 -13.16
N ASN A 253 10.99 -6.84 -13.60
CA ASN A 253 11.33 -6.98 -15.00
C ASN A 253 10.07 -6.96 -15.89
N TYR A 254 9.02 -7.62 -15.41
CA TYR A 254 7.76 -7.65 -16.14
C TYR A 254 7.20 -6.25 -16.30
N CYS A 255 7.07 -5.52 -15.21
CA CYS A 255 6.51 -4.16 -15.27
C CYS A 255 7.34 -3.23 -16.15
N ARG A 256 8.66 -3.31 -16.04
CA ARG A 256 9.54 -2.42 -16.82
C ARG A 256 9.50 -2.75 -18.30
N ASN A 257 9.06 -3.96 -18.65
CA ASN A 257 9.03 -4.40 -20.04
C ASN A 257 7.68 -4.18 -20.74
N LEU A 258 6.64 -3.87 -19.96
CA LEU A 258 5.33 -3.57 -20.53
C LEU A 258 5.34 -2.36 -21.47
N LYS A 259 4.61 -2.45 -22.59
CA LYS A 259 4.50 -1.32 -23.50
C LYS A 259 3.39 -0.36 -23.02
N PHE A 260 3.42 0.88 -23.53
CA PHE A 260 2.54 1.93 -23.05
C PHE A 260 1.05 1.55 -22.94
N ASP A 261 0.42 1.06 -24.02
CA ASP A 261 -1.02 0.78 -23.99
C ASP A 261 -1.38 -0.67 -23.65
N GLU A 262 -0.39 -1.43 -23.19
CA GLU A 262 -0.54 -2.88 -23.05
C GLU A 262 -1.28 -3.30 -21.77
N ARG A 263 -2.24 -4.20 -21.93
CA ARG A 263 -2.98 -4.79 -20.83
C ARG A 263 -2.10 -5.72 -20.04
N PRO A 264 -1.93 -5.46 -18.74
CA PRO A 264 -1.11 -6.34 -17.90
C PRO A 264 -1.75 -7.71 -17.68
N ASP A 265 -0.90 -8.71 -17.51
CA ASP A 265 -1.32 -10.08 -17.17
C ASP A 265 -1.37 -10.18 -15.64
N TYR A 266 -2.44 -9.65 -15.05
CA TYR A 266 -2.60 -9.61 -13.58
C TYR A 266 -2.51 -10.99 -12.94
N LEU A 267 -3.10 -12.00 -13.57
CA LEU A 267 -3.09 -13.35 -13.03
C LEU A 267 -1.67 -13.90 -13.03
N TYR A 268 -0.91 -13.67 -14.10
CA TYR A 268 0.50 -14.09 -14.07
C TYR A 268 1.22 -13.51 -12.86
N LEU A 269 0.98 -12.22 -12.58
CA LEU A 269 1.65 -11.57 -11.45
C LEU A 269 1.17 -12.14 -10.11
N ALA A 270 -0.14 -12.36 -9.98
CA ALA A 270 -0.66 -12.98 -8.76
C ALA A 270 -0.06 -14.38 -8.55
N ARG A 271 0.07 -15.14 -9.64
CA ARG A 271 0.66 -16.47 -9.57
C ARG A 271 2.11 -16.46 -9.08
N LEU A 272 2.85 -15.37 -9.35
CA LEU A 272 4.21 -15.22 -8.83
C LEU A 272 4.23 -15.42 -7.33
N PHE A 273 3.39 -14.66 -6.65
CA PHE A 273 3.38 -14.64 -5.20
C PHE A 273 2.58 -15.80 -4.61
N LYS A 274 1.58 -16.29 -5.34
CA LYS A 274 0.89 -17.49 -4.87
C LYS A 274 1.84 -18.70 -4.92
N ASP A 275 2.55 -18.87 -6.04
CA ASP A 275 3.54 -19.94 -6.17
C ASP A 275 4.63 -19.83 -5.11
N LEU A 276 5.04 -18.60 -4.79
CA LEU A 276 6.10 -18.41 -3.81
C LEU A 276 5.63 -18.80 -2.42
N SER A 277 4.40 -18.43 -2.06
CA SER A 277 3.88 -18.74 -0.74
C SER A 277 3.81 -20.25 -0.54
N ILE A 278 3.50 -20.99 -1.60
CA ILE A 278 3.51 -22.45 -1.58
C ILE A 278 4.91 -23.00 -1.30
N LYS A 279 5.90 -22.52 -2.05
CA LYS A 279 7.27 -22.94 -1.87
C LYS A 279 7.79 -22.63 -0.46
N LEU A 280 7.24 -21.56 0.13
CA LEU A 280 7.65 -21.11 1.44
C LEU A 280 6.73 -21.68 2.55
N GLU A 281 5.71 -22.42 2.13
CA GLU A 281 4.80 -23.11 3.05
C GLU A 281 4.05 -22.12 3.93
N TYR A 282 3.64 -21.00 3.34
CA TYR A 282 2.72 -20.07 3.99
C TYR A 282 1.27 -20.41 3.66
N HIS A 283 0.39 -20.22 4.64
CA HIS A 283 -1.03 -20.21 4.37
C HIS A 283 -1.49 -18.80 4.08
N ASN A 284 -2.45 -18.64 3.19
CA ASN A 284 -3.03 -17.33 2.93
C ASN A 284 -4.13 -17.08 3.96
N ASP A 285 -3.71 -16.95 5.22
CA ASP A 285 -4.60 -16.98 6.37
C ASP A 285 -4.88 -15.60 6.98
N HIS A 286 -4.54 -14.52 6.27
CA HIS A 286 -4.77 -13.16 6.76
C HIS A 286 -4.16 -12.89 8.14
N LEU A 287 -3.13 -13.66 8.49
CA LEU A 287 -2.38 -13.42 9.72
C LEU A 287 -1.14 -12.58 9.39
N PHE A 288 -1.29 -11.26 9.44
CA PHE A 288 -0.19 -10.34 9.14
C PHE A 288 0.76 -10.18 10.31
N ASP A 289 1.96 -9.66 10.04
CA ASP A 289 2.96 -9.45 11.08
C ASP A 289 2.38 -8.71 12.28
N TRP A 290 1.70 -7.59 12.01
CA TRP A 290 1.17 -6.74 13.06
C TRP A 290 0.07 -7.46 13.85
N THR A 291 -0.67 -8.32 13.18
CA THR A 291 -1.69 -9.13 13.84
C THR A 291 -1.04 -9.96 14.95
N MET A 292 0.03 -10.65 14.60
CA MET A 292 0.68 -11.56 15.54
C MET A 292 1.52 -10.84 16.59
N LEU A 293 2.21 -9.77 16.20
CA LEU A 293 2.95 -8.95 17.16
C LEU A 293 2.02 -8.32 18.20
N ARG A 294 0.84 -7.90 17.76
CA ARG A 294 -0.13 -7.25 18.63
C ARG A 294 -0.70 -8.24 19.64
N TYR A 295 -0.99 -9.44 19.16
CA TYR A 295 -1.47 -10.52 20.00
C TYR A 295 -0.43 -10.91 21.04
N THR A 296 0.81 -11.13 20.58
CA THR A 296 1.90 -11.52 21.45
C THR A 296 2.12 -10.49 22.57
N LYS A 297 2.08 -9.21 22.21
CA LYS A 297 2.30 -8.14 23.17
C LYS A 297 1.25 -8.12 24.27
N ALA A 298 0.00 -8.30 23.88
CA ALA A 298 -1.12 -8.30 24.83
C ALA A 298 -0.91 -9.36 25.90
N MET A 299 -0.50 -10.55 25.49
CA MET A 299 -0.26 -11.65 26.41
C MET A 299 0.94 -11.38 27.31
N VAL A 300 1.96 -10.71 26.77
CA VAL A 300 3.14 -10.39 27.54
C VAL A 300 2.80 -9.37 28.63
N GLU A 301 2.03 -8.36 28.26
CA GLU A 301 1.67 -7.29 29.18
C GLU A 301 0.62 -7.73 30.21
N LYS A 302 0.34 -9.03 30.26
CA LYS A 302 -0.48 -9.59 31.34
C LYS A 302 0.38 -10.28 32.38
N LYS A 338 11.60 1.46 24.81
CA LYS A 338 10.51 1.01 23.95
C LYS A 338 11.04 0.22 22.74
N ASN A 339 12.20 0.61 22.23
CA ASN A 339 12.85 -0.18 21.19
C ASN A 339 13.23 -1.57 21.70
N ASP A 340 13.66 -1.61 22.95
CA ASP A 340 14.09 -2.85 23.58
C ASP A 340 12.90 -3.73 23.94
N SER A 341 11.79 -3.09 24.29
CA SER A 341 10.57 -3.82 24.63
C SER A 341 9.97 -4.51 23.41
N PHE A 342 9.99 -3.81 22.28
CA PHE A 342 9.52 -4.36 21.02
C PHE A 342 10.31 -5.60 20.66
N ASN A 343 11.62 -5.53 20.80
CA ASN A 343 12.50 -6.62 20.41
C ASN A 343 12.21 -7.90 21.19
N LYS A 344 11.77 -7.73 22.44
CA LYS A 344 11.43 -8.87 23.27
C LYS A 344 10.12 -9.48 22.80
N VAL A 345 9.14 -8.62 22.54
CA VAL A 345 7.86 -9.05 22.00
C VAL A 345 8.06 -9.78 20.67
N LYS A 346 8.89 -9.20 19.81
CA LYS A 346 9.12 -9.74 18.49
C LYS A 346 9.80 -11.10 18.59
N LEU A 347 10.71 -11.23 19.54
CA LEU A 347 11.40 -12.51 19.76
C LEU A 347 10.39 -13.60 20.13
N LEU A 348 9.49 -13.30 21.07
CA LEU A 348 8.46 -14.26 21.46
C LEU A 348 7.52 -14.59 20.30
N ALA A 349 7.13 -13.56 19.56
CA ALA A 349 6.24 -13.73 18.44
C ALA A 349 6.87 -14.65 17.40
N MET A 350 8.17 -14.47 17.16
CA MET A 350 8.86 -15.26 16.15
C MET A 350 9.09 -16.69 16.64
N LYS A 351 9.05 -16.89 17.95
CA LYS A 351 9.15 -18.25 18.50
C LYS A 351 7.82 -18.98 18.40
N LYS A 352 6.74 -18.29 18.73
CA LYS A 352 5.40 -18.86 18.72
C LYS A 352 4.91 -19.08 17.30
N PHE A 353 5.36 -18.22 16.40
CA PHE A 353 4.92 -18.27 15.01
C PHE A 353 6.11 -18.48 14.07
N ALA A 354 6.96 -19.44 14.45
CA ALA A 354 8.24 -19.66 13.77
C ALA A 354 8.15 -19.80 12.25
N SER A 355 7.12 -20.47 11.76
CA SER A 355 6.98 -20.72 10.33
C SER A 355 6.44 -19.51 9.55
N HIS A 356 6.02 -18.46 10.27
CA HIS A 356 5.44 -17.25 9.65
C HIS A 356 6.44 -16.13 9.39
N PHE A 357 7.46 -16.03 10.24
CA PHE A 357 8.36 -14.88 10.24
C PHE A 357 9.71 -15.17 9.57
N HIS A 358 9.79 -14.89 8.28
CA HIS A 358 11.03 -15.00 7.55
C HIS A 358 11.34 -13.63 6.97
N TYR A 359 12.59 -13.20 7.10
CA TYR A 359 12.97 -11.86 6.69
C TYR A 359 14.09 -11.84 5.66
N CYS A 360 14.08 -10.81 4.84
CA CYS A 360 15.19 -10.56 3.95
C CYS A 360 16.45 -10.27 4.77
N LYS A 361 17.57 -10.83 4.33
CA LYS A 361 18.88 -10.50 4.90
C LYS A 361 19.61 -9.54 3.96
N ASN A 362 19.75 -8.28 4.36
CA ASN A 362 20.18 -7.25 3.40
C ASN A 362 21.67 -7.33 3.06
N ASP A 363 22.40 -8.19 3.75
CA ASP A 363 23.76 -8.52 3.35
C ASP A 363 23.80 -9.53 2.20
N ASP A 364 22.69 -10.19 1.92
CA ASP A 364 22.64 -11.15 0.82
C ASP A 364 22.87 -10.45 -0.51
N LYS A 365 23.59 -11.12 -1.41
CA LYS A 365 23.82 -10.60 -2.75
C LYS A 365 23.00 -11.36 -3.79
N HIS A 366 22.40 -12.47 -3.37
CA HIS A 366 21.75 -13.39 -4.27
C HIS A 366 20.25 -13.47 -4.00
N TYR A 367 19.54 -14.18 -4.87
CA TYR A 367 18.15 -14.52 -4.58
C TYR A 367 18.15 -15.80 -3.76
N PRO A 368 17.74 -15.72 -2.47
CA PRO A 368 17.71 -16.93 -1.65
C PRO A 368 16.72 -17.99 -2.20
N THR A 369 17.08 -19.27 -2.07
CA THR A 369 16.17 -20.36 -2.42
C THR A 369 15.09 -20.46 -1.35
N PRO A 370 13.96 -21.11 -1.69
CA PRO A 370 12.91 -21.29 -0.67
C PRO A 370 13.40 -22.06 0.55
N GLU A 371 14.22 -23.09 0.33
CA GLU A 371 14.74 -23.88 1.42
C GLU A 371 15.71 -23.07 2.28
N GLU A 372 16.47 -22.19 1.63
CA GLU A 372 17.31 -21.23 2.33
C GLU A 372 16.49 -20.37 3.29
N ILE A 373 15.38 -19.84 2.79
CA ILE A 373 14.51 -18.96 3.59
C ILE A 373 13.83 -19.74 4.70
N LYS A 374 13.39 -20.96 4.41
CA LYS A 374 12.66 -21.75 5.40
C LYS A 374 13.55 -22.18 6.58
N GLN A 375 14.85 -22.16 6.38
CA GLN A 375 15.81 -22.37 7.46
C GLN A 375 15.62 -21.42 8.64
N GLN A 376 14.95 -20.29 8.42
CA GLN A 376 14.73 -19.34 9.50
C GLN A 376 13.71 -19.87 10.49
N THR A 377 12.86 -20.78 10.04
CA THR A 377 11.89 -21.43 10.93
C THR A 377 12.61 -22.13 12.10
N VAL A 378 13.65 -22.88 11.77
CA VAL A 378 14.47 -23.54 12.78
C VAL A 378 15.12 -22.51 13.70
N GLN A 379 15.70 -21.48 13.11
CA GLN A 379 16.35 -20.42 13.88
C GLN A 379 15.37 -19.73 14.84
N ASN A 380 14.15 -19.52 14.38
CA ASN A 380 13.12 -18.87 15.20
C ASN A 380 12.76 -19.68 16.44
N ASN A 381 12.65 -20.99 16.25
CA ASN A 381 12.35 -21.89 17.36
C ASN A 381 13.51 -22.01 18.35
N ASN A 382 14.74 -21.88 17.86
CA ASN A 382 15.94 -22.04 18.68
C ASN A 382 16.26 -20.88 19.62
N ALA A 383 15.49 -19.80 19.52
CA ALA A 383 15.72 -18.63 20.38
C ALA A 383 15.04 -18.77 21.74
N ALA A 384 15.59 -18.11 22.75
CA ALA A 384 15.06 -18.20 24.11
C ALA A 384 14.52 -16.86 24.59
N PRO A 389 12.60 -18.46 30.23
CA PRO A 389 12.04 -18.43 31.58
C PRO A 389 10.54 -18.76 31.59
N GLU A 390 9.79 -18.07 32.46
CA GLU A 390 8.34 -18.27 32.55
C GLU A 390 7.63 -17.60 31.37
N LEU A 391 8.28 -16.58 30.81
CA LEU A 391 7.71 -15.78 29.73
C LEU A 391 7.43 -16.62 28.48
N LEU A 392 8.40 -17.45 28.09
CA LEU A 392 8.22 -18.38 26.97
C LEU A 392 7.01 -19.30 27.21
N SER A 393 6.79 -19.66 28.47
CA SER A 393 5.67 -20.50 28.87
C SER A 393 4.32 -19.76 28.85
N ALA A 394 4.37 -18.48 29.19
CA ALA A 394 3.16 -17.65 29.28
C ALA A 394 2.42 -17.53 27.96
N ILE A 395 3.18 -17.41 26.87
CA ILE A 395 2.64 -17.11 25.54
C ILE A 395 1.85 -18.26 24.93
N ASP A 396 2.30 -19.48 25.16
CA ASP A 396 1.60 -20.68 24.70
C ASP A 396 0.16 -20.70 25.20
N LYS A 397 -0.03 -20.26 26.44
CA LYS A 397 -1.35 -20.20 27.05
C LYS A 397 -2.21 -19.12 26.40
PB ADP B . -2.49 13.30 3.87
O1B ADP B . -1.42 12.33 3.42
O2B ADP B . -2.71 14.44 2.91
O3B ADP B . -2.42 13.70 5.32
PA ADP B . -5.20 12.93 4.43
O1A ADP B . -4.94 14.24 5.13
O2A ADP B . -6.29 12.87 3.39
O3A ADP B . -3.83 12.42 3.77
O5' ADP B . -5.44 11.82 5.57
C5' ADP B . -5.24 12.08 6.96
C4' ADP B . -5.33 10.73 7.66
O4' ADP B . -6.63 10.19 7.45
C3' ADP B . -4.33 9.75 7.03
O3' ADP B . -3.63 9.09 8.09
C2' ADP B . -5.17 8.73 6.28
O2' ADP B . -4.62 7.43 6.46
C1' ADP B . -6.53 8.85 6.95
N9 ADP B . -7.67 8.50 6.08
C8 ADP B . -7.87 8.76 4.77
N7 ADP B . -9.07 8.26 4.34
C5 ADP B . -9.65 7.65 5.39
C6 ADP B . -10.92 6.92 5.66
N6 ADP B . -11.84 6.70 4.70
N1 ADP B . -11.12 6.46 6.92
C2 ADP B . -10.23 6.65 7.91
N3 ADP B . -9.07 7.30 7.74
C4 ADP B . -8.74 7.82 6.53
C FMT C . 12.19 10.08 0.12
O1 FMT C . 11.95 9.10 -0.59
O2 FMT C . 13.07 10.07 0.99
#